data_3V3L
#
_entry.id   3V3L
#
_cell.length_a   55.343
_cell.length_b   55.343
_cell.length_c   146.471
_cell.angle_alpha   90.00
_cell.angle_beta   90.00
_cell.angle_gamma   120.00
#
_symmetry.space_group_name_H-M   'P 31 1 2'
#
loop_
_entity.id
_entity.type
_entity.pdbx_description
1 polymer 'E3 ubiquitin-protein ligase RNF146'
2 non-polymer "2'-O-(5-O-phosphono-alpha-D-ribofuranosyl)adenosine 5'-(dihydrogen phosphate)"
3 water water
#
_entity_poly.entity_id   1
_entity_poly.type   'polypeptide(L)'
_entity_poly.pdbx_seq_one_letter_code
;GNGEYAWYYEGRNGWWQYDERTSRELEDAFSKGKKNTE(MSE)LIAGFLYVADLEN(MSE)VQYRRNEHGRRRKIKRDII
DIPKKGVAGLRLD
;
_entity_poly.pdbx_strand_id   A,B
#
# COMPACT_ATOMS: atom_id res chain seq x y z
N GLY A 3 -1.88 21.10 24.35
CA GLY A 3 -0.91 20.90 23.24
C GLY A 3 -0.38 19.45 23.21
N GLU A 4 -1.20 18.56 22.66
CA GLU A 4 -0.81 17.18 22.54
C GLU A 4 -0.64 16.76 21.10
N TYR A 5 0.45 16.04 20.89
CA TYR A 5 0.99 15.78 19.58
C TYR A 5 1.11 14.29 19.32
N ALA A 6 1.04 13.97 18.05
CA ALA A 6 1.10 12.61 17.55
C ALA A 6 1.85 12.61 16.22
N TRP A 7 2.21 11.43 15.76
CA TRP A 7 2.87 11.25 14.47
C TRP A 7 1.92 10.61 13.47
N TYR A 8 2.05 11.05 12.22
CA TYR A 8 1.17 10.60 11.13
C TYR A 8 1.97 10.28 9.88
N TYR A 9 1.43 9.34 9.08
CA TYR A 9 1.97 9.02 7.76
C TYR A 9 0.86 9.15 6.70
N GLU A 10 1.25 9.55 5.49
CA GLU A 10 0.32 9.83 4.41
C GLU A 10 -0.28 8.56 3.84
N GLY A 11 -1.60 8.59 3.65
CA GLY A 11 -2.34 7.67 2.78
C GLY A 11 -2.69 8.39 1.48
N ARG A 12 -3.47 7.73 0.64
CA ARG A 12 -3.78 8.30 -0.67
C ARG A 12 -4.61 9.59 -0.63
N ASN A 13 -5.42 9.77 0.41
N ASN A 13 -5.42 9.78 0.40
CA ASN A 13 -6.31 10.92 0.50
CA ASN A 13 -6.26 10.96 0.47
C ASN A 13 -6.48 11.45 1.92
C ASN A 13 -6.49 11.40 1.92
N GLY A 14 -5.48 11.21 2.76
CA GLY A 14 -5.56 11.60 4.15
C GLY A 14 -4.34 11.16 4.92
N TRP A 15 -4.43 11.27 6.24
CA TRP A 15 -3.36 10.89 7.15
C TRP A 15 -3.79 9.74 8.03
N TRP A 16 -2.84 8.84 8.31
CA TRP A 16 -3.00 7.78 9.28
C TRP A 16 -2.11 8.10 10.46
N GLN A 17 -2.61 7.86 11.66
CA GLN A 17 -1.77 8.00 12.84
C GLN A 17 -0.90 6.76 12.98
N TYR A 18 0.39 6.94 13.32
CA TYR A 18 1.23 5.81 13.65
C TYR A 18 0.73 5.07 14.88
N ASP A 19 0.95 3.76 14.92
CA ASP A 19 0.72 2.99 16.14
C ASP A 19 1.51 3.58 17.32
N GLU A 20 1.03 3.31 18.54
CA GLU A 20 1.54 3.94 19.75
C GLU A 20 3.04 3.71 19.93
N ARG A 21 3.49 2.47 19.73
CA ARG A 21 4.90 2.14 19.93
C ARG A 21 5.81 2.90 18.97
N THR A 22 5.46 2.87 17.69
CA THR A 22 6.23 3.54 16.67
C THR A 22 6.23 5.05 16.88
N SER A 23 5.08 5.58 17.30
CA SER A 23 4.98 7.01 17.53
CA SER A 23 4.93 7.00 17.60
C SER A 23 5.93 7.44 18.66
N ARG A 24 6.03 6.64 19.72
CA ARG A 24 6.97 6.91 20.80
C ARG A 24 8.42 6.88 20.33
N GLU A 25 8.74 5.94 19.45
CA GLU A 25 10.09 5.82 18.89
C GLU A 25 10.44 7.05 18.04
N LEU A 26 9.49 7.48 17.21
CA LEU A 26 9.65 8.70 16.40
C LEU A 26 9.85 9.91 17.30
N GLU A 27 9.03 10.00 18.33
CA GLU A 27 9.14 11.13 19.24
C GLU A 27 10.50 11.15 19.95
N ASP A 28 10.99 9.99 20.39
N ASP A 28 10.98 10.00 20.38
CA ASP A 28 12.33 9.88 21.00
CA ASP A 28 12.27 9.91 21.06
C ASP A 28 13.41 10.39 20.06
C ASP A 28 13.45 10.28 20.10
N ALA A 29 13.39 9.85 18.84
CA ALA A 29 14.39 10.22 17.83
C ALA A 29 14.36 11.73 17.50
N PHE A 30 13.17 12.26 17.30
CA PHE A 30 12.95 13.69 17.07
C PHE A 30 13.49 14.52 18.25
N SER A 31 13.18 14.08 19.46
CA SER A 31 13.57 14.79 20.66
C SER A 31 15.11 14.82 20.87
N LYS A 32 15.81 13.79 20.37
CA LYS A 32 17.28 13.71 20.44
C LYS A 32 17.99 14.42 19.28
N GLY A 33 17.22 14.92 18.32
CA GLY A 33 17.78 15.59 17.16
C GLY A 33 18.38 14.63 16.15
N LYS A 34 17.90 13.38 16.15
CA LYS A 34 18.31 12.44 15.12
C LYS A 34 17.72 12.84 13.76
N LYS A 35 18.50 12.60 12.71
CA LYS A 35 18.11 12.92 11.33
C LYS A 35 17.27 11.81 10.75
N ASN A 36 17.40 10.62 11.31
CA ASN A 36 16.62 9.47 10.86
C ASN A 36 16.62 8.36 11.90
N THR A 37 15.70 7.43 11.73
CA THR A 37 15.61 6.25 12.56
C THR A 37 14.97 5.12 11.78
N GLU A 38 15.00 3.92 12.34
CA GLU A 38 14.32 2.77 11.75
C GLU A 38 13.19 2.31 12.65
N LEU A 40 9.95 -0.86 12.96
CA LEU A 40 9.41 -2.15 12.55
C LEU A 40 7.88 -2.05 12.37
N ILE A 41 7.42 -2.23 11.14
CA ILE A 41 6.00 -2.09 10.79
C ILE A 41 5.50 -3.42 10.23
N ALA A 42 4.62 -4.12 10.96
CA ALA A 42 4.12 -5.43 10.52
C ALA A 42 5.25 -6.39 10.19
N GLY A 43 6.35 -6.32 10.94
CA GLY A 43 7.51 -7.16 10.69
C GLY A 43 8.52 -6.72 9.64
N PHE A 44 8.25 -5.60 8.98
CA PHE A 44 9.12 -5.05 7.95
C PHE A 44 9.83 -3.81 8.46
N LEU A 45 11.08 -3.65 8.08
CA LEU A 45 11.89 -2.50 8.48
C LEU A 45 11.63 -1.30 7.58
N TYR A 46 11.28 -0.18 8.21
CA TYR A 46 11.14 1.10 7.52
C TYR A 46 12.13 2.11 8.06
N VAL A 47 12.52 3.04 7.20
CA VAL A 47 13.31 4.21 7.56
C VAL A 47 12.34 5.37 7.75
N ALA A 48 12.48 6.09 8.85
CA ALA A 48 11.88 7.42 9.02
C ALA A 48 12.98 8.48 8.85
N ASP A 49 12.87 9.28 7.80
CA ASP A 49 13.81 10.35 7.49
C ASP A 49 13.19 11.64 8.07
N LEU A 50 13.74 12.10 9.19
CA LEU A 50 13.20 13.24 9.92
C LEU A 50 13.66 14.58 9.36
N GLU A 51 14.68 14.58 8.51
CA GLU A 51 15.07 15.81 7.82
C GLU A 51 14.14 16.15 6.67
N ASN A 52 13.82 15.14 5.87
CA ASN A 52 12.92 15.30 4.73
C ASN A 52 11.47 14.95 5.07
N VAL A 54 9.87 11.98 5.55
CA VAL A 54 9.30 10.89 4.76
C VAL A 54 9.68 9.55 5.37
N GLN A 55 8.85 8.55 5.11
CA GLN A 55 9.19 7.17 5.43
C GLN A 55 9.19 6.31 4.17
N TYR A 56 9.95 5.24 4.21
CA TYR A 56 10.02 4.30 3.11
C TYR A 56 10.62 2.98 3.58
N ARG A 57 10.29 1.90 2.89
CA ARG A 57 10.77 0.60 3.32
C ARG A 57 12.30 0.56 3.15
N ARG A 58 12.99 -0.05 4.11
CA ARG A 58 14.47 -0.05 4.11
C ARG A 58 15.06 -0.91 3.01
N ASN A 59 14.59 -2.15 2.91
CA ASN A 59 15.28 -3.20 2.15
C ASN A 59 14.70 -3.54 0.78
N GLU A 60 13.46 -3.17 0.53
CA GLU A 60 12.80 -3.45 -0.74
C GLU A 60 12.03 -2.21 -1.21
N HIS A 61 11.53 -2.27 -2.44
N HIS A 61 11.54 -2.26 -2.43
CA HIS A 61 10.79 -1.16 -3.05
CA HIS A 61 10.85 -1.12 -3.04
C HIS A 61 9.52 -0.85 -2.27
C HIS A 61 9.48 -0.88 -2.42
N GLY A 62 9.10 0.40 -2.33
CA GLY A 62 7.81 0.78 -1.79
C GLY A 62 7.58 2.26 -2.03
N ARG A 63 6.42 2.73 -1.60
CA ARG A 63 6.08 4.13 -1.66
C ARG A 63 6.97 4.98 -0.74
N ARG A 64 7.21 6.22 -1.13
CA ARG A 64 7.67 7.24 -0.18
C ARG A 64 6.42 7.90 0.37
N ARG A 65 6.23 7.84 1.68
CA ARG A 65 5.10 8.51 2.32
C ARG A 65 5.56 9.69 3.15
N LYS A 66 4.90 10.82 2.98
CA LYS A 66 5.14 11.94 3.85
C LYS A 66 4.83 11.53 5.29
N ILE A 67 5.60 12.08 6.22
CA ILE A 67 5.26 11.98 7.62
C ILE A 67 5.12 13.38 8.21
N LYS A 68 4.36 13.47 9.28
CA LYS A 68 4.28 14.71 10.02
C LYS A 68 4.03 14.47 11.50
N ARG A 69 4.41 15.45 12.27
CA ARG A 69 4.14 15.52 13.68
C ARG A 69 3.13 16.66 13.85
N ASP A 70 1.94 16.36 14.35
CA ASP A 70 0.88 17.36 14.46
C ASP A 70 0.03 17.07 15.68
N ILE A 71 -0.92 17.96 15.94
CA ILE A 71 -1.80 17.78 17.08
C ILE A 71 -2.68 16.53 16.90
N ILE A 72 -3.17 16.02 18.02
CA ILE A 72 -4.09 14.90 18.02
C ILE A 72 -5.43 15.22 17.37
N ASP A 73 -5.90 16.45 17.57
N ASP A 73 -5.93 16.43 17.59
CA ASP A 73 -7.22 16.88 17.14
CA ASP A 73 -7.27 16.81 17.13
C ASP A 73 -7.25 17.38 15.69
C ASP A 73 -7.27 17.36 15.70
N ILE A 74 -6.83 16.52 14.76
CA ILE A 74 -6.97 16.77 13.32
C ILE A 74 -7.80 15.64 12.73
N PRO A 75 -8.42 15.88 11.56
CA PRO A 75 -9.03 14.76 10.85
C PRO A 75 -7.99 13.68 10.52
N LYS A 76 -8.39 12.42 10.60
CA LYS A 76 -7.49 11.32 10.30
C LYS A 76 -8.29 10.11 9.89
N LYS A 77 -7.61 9.18 9.22
CA LYS A 77 -8.28 8.00 8.68
C LYS A 77 -8.37 6.84 9.67
N GLY A 78 -7.50 6.86 10.68
CA GLY A 78 -7.40 5.78 11.64
C GLY A 78 -5.98 5.70 12.19
N VAL A 79 -5.65 4.55 12.75
CA VAL A 79 -4.35 4.32 13.38
C VAL A 79 -3.76 3.05 12.77
N ALA A 80 -2.62 3.20 12.09
CA ALA A 80 -1.82 2.05 11.63
C ALA A 80 -2.63 1.11 10.71
N GLY A 81 -3.48 1.69 9.88
CA GLY A 81 -4.29 0.91 8.94
C GLY A 81 -5.64 0.43 9.47
N LEU A 82 -5.91 0.65 10.76
CA LEU A 82 -7.19 0.31 11.36
C LEU A 82 -8.05 1.54 11.27
N ARG A 83 -9.07 1.48 10.41
N ARG A 83 -9.04 1.51 10.38
CA ARG A 83 -9.96 2.59 10.14
CA ARG A 83 -9.81 2.70 10.10
C ARG A 83 -10.63 3.09 11.41
C ARG A 83 -10.68 3.10 11.30
N LEU A 84 -10.79 4.40 11.55
CA LEU A 84 -11.66 4.91 12.61
C LEU A 84 -13.07 4.73 12.07
N ASP A 85 -13.98 4.43 12.96
CA ASP A 85 -15.37 4.20 12.57
C ASP A 85 -16.22 5.30 13.19
N GLY B 1 -10.24 -23.65 -21.61
CA GLY B 1 -10.58 -22.22 -21.47
C GLY B 1 -9.88 -21.69 -20.25
N ASN B 2 -10.34 -20.54 -19.75
CA ASN B 2 -9.59 -19.76 -18.73
C ASN B 2 -10.14 -19.82 -17.30
N GLY B 3 -10.98 -20.84 -17.07
CA GLY B 3 -11.64 -21.05 -15.78
C GLY B 3 -10.70 -21.24 -14.59
N GLU B 4 -9.49 -21.71 -14.85
N GLU B 4 -9.49 -21.71 -14.86
CA GLU B 4 -8.51 -21.96 -13.81
CA GLU B 4 -8.48 -21.97 -13.83
C GLU B 4 -7.40 -20.89 -13.75
C GLU B 4 -7.53 -20.80 -13.55
N TYR B 5 -7.66 -19.68 -14.27
CA TYR B 5 -6.70 -18.55 -14.17
C TYR B 5 -7.25 -17.34 -13.43
N ALA B 6 -6.35 -16.57 -12.83
CA ALA B 6 -6.70 -15.38 -12.07
C ALA B 6 -5.57 -14.35 -12.22
N TRP B 7 -5.86 -13.16 -11.77
CA TRP B 7 -4.92 -12.04 -11.77
C TRP B 7 -4.51 -11.68 -10.35
N TYR B 8 -3.23 -11.33 -10.21
CA TYR B 8 -2.63 -11.05 -8.92
C TYR B 8 -1.79 -9.79 -8.97
N TYR B 9 -1.71 -9.10 -7.82
CA TYR B 9 -0.80 -7.96 -7.63
C TYR B 9 0.09 -8.18 -6.42
N GLU B 10 1.30 -7.65 -6.51
CA GLU B 10 2.34 -7.83 -5.51
C GLU B 10 2.05 -7.08 -4.21
N GLY B 11 2.22 -7.78 -3.09
CA GLY B 11 2.38 -7.18 -1.78
C GLY B 11 3.81 -7.33 -1.30
N ARG B 12 4.08 -6.97 -0.05
CA ARG B 12 5.46 -6.95 0.44
C ARG B 12 6.19 -8.31 0.43
N ASN B 13 5.44 -9.34 0.74
N ASN B 13 5.51 -9.38 0.71
CA ASN B 13 6.02 -10.69 0.86
CA ASN B 13 6.23 -10.64 0.60
C ASN B 13 5.16 -11.76 0.23
C ASN B 13 5.26 -11.74 0.18
N GLY B 14 4.43 -11.40 -0.82
CA GLY B 14 3.50 -12.33 -1.43
C GLY B 14 2.61 -11.64 -2.44
N TRP B 15 1.65 -12.41 -2.96
CA TRP B 15 0.72 -11.98 -3.96
C TRP B 15 -0.68 -11.88 -3.36
N TRP B 16 -1.42 -10.88 -3.83
CA TRP B 16 -2.83 -10.73 -3.53
C TRP B 16 -3.59 -10.97 -4.82
N GLN B 17 -4.71 -11.66 -4.73
CA GLN B 17 -5.58 -11.79 -5.89
C GLN B 17 -6.40 -10.51 -6.06
N TYR B 18 -6.56 -10.09 -7.32
CA TYR B 18 -7.44 -8.97 -7.60
C TYR B 18 -8.89 -9.35 -7.28
N ASP B 19 -9.67 -8.36 -6.88
CA ASP B 19 -11.12 -8.52 -6.76
C ASP B 19 -11.73 -9.04 -8.08
N GLU B 20 -12.89 -9.70 -7.98
CA GLU B 20 -13.49 -10.39 -9.11
C GLU B 20 -13.76 -9.44 -10.27
N ARG B 21 -14.30 -8.25 -9.99
CA ARG B 21 -14.65 -7.30 -11.08
C ARG B 21 -13.39 -6.84 -11.83
N THR B 22 -12.35 -6.46 -11.07
CA THR B 22 -11.10 -5.97 -11.67
C THR B 22 -10.40 -7.08 -12.45
N SER B 23 -10.48 -8.29 -11.92
CA SER B 23 -9.89 -9.46 -12.55
CA SER B 23 -9.83 -9.43 -12.55
C SER B 23 -10.47 -9.66 -13.94
N ARG B 24 -11.79 -9.51 -14.03
CA ARG B 24 -12.49 -9.69 -15.30
C ARG B 24 -12.10 -8.58 -16.30
N GLU B 25 -11.91 -7.36 -15.81
CA GLU B 25 -11.45 -6.25 -16.64
C GLU B 25 -10.02 -6.46 -17.18
N LEU B 26 -9.13 -6.96 -16.32
CA LEU B 26 -7.78 -7.27 -16.75
C LEU B 26 -7.82 -8.39 -17.79
N GLU B 27 -8.62 -9.43 -17.54
CA GLU B 27 -8.69 -10.54 -18.47
C GLU B 27 -9.20 -10.09 -19.84
N ASP B 28 -10.18 -9.20 -19.86
N ASP B 28 -10.23 -9.23 -19.82
CA ASP B 28 -10.70 -8.79 -21.15
CA ASP B 28 -10.78 -8.63 -21.05
C ASP B 28 -9.80 -7.80 -21.90
C ASP B 28 -9.67 -7.95 -21.85
N ALA B 29 -8.96 -7.03 -21.18
CA ALA B 29 -7.91 -6.24 -21.82
C ALA B 29 -6.78 -7.11 -22.37
N PHE B 30 -6.34 -8.06 -21.57
CA PHE B 30 -5.33 -9.03 -21.95
C PHE B 30 -5.78 -9.83 -23.19
N SER B 31 -7.02 -10.30 -23.15
CA SER B 31 -7.57 -11.11 -24.22
C SER B 31 -7.66 -10.35 -25.53
N LYS B 32 -7.82 -9.03 -25.44
CA LYS B 32 -7.93 -8.18 -26.63
C LYS B 32 -6.58 -7.65 -27.11
N GLY B 33 -5.50 -8.03 -26.41
CA GLY B 33 -4.15 -7.63 -26.79
C GLY B 33 -3.81 -6.18 -26.43
N LYS B 34 -4.56 -5.61 -25.49
CA LYS B 34 -4.28 -4.23 -25.06
C LYS B 34 -2.94 -4.14 -24.35
N LYS B 35 -2.20 -3.07 -24.59
CA LYS B 35 -0.91 -2.86 -23.96
C LYS B 35 -1.09 -2.36 -22.53
N ASN B 36 -2.24 -1.73 -22.28
CA ASN B 36 -2.56 -1.21 -20.97
C ASN B 36 -4.06 -0.97 -20.84
N THR B 37 -4.50 -0.83 -19.60
CA THR B 37 -5.86 -0.44 -19.30
C THR B 37 -5.88 0.34 -17.98
N GLU B 38 -7.06 0.85 -17.62
CA GLU B 38 -7.22 1.59 -16.37
C GLU B 38 -8.26 0.89 -15.54
N LEU B 40 -10.48 1.03 -11.58
N LEU B 40 -10.49 1.05 -11.59
CA LEU B 40 -10.89 1.79 -10.39
CA LEU B 40 -10.87 1.77 -10.38
C LEU B 40 -10.77 0.87 -9.17
C LEU B 40 -10.73 0.84 -9.19
N ILE B 41 -9.87 1.22 -8.24
CA ILE B 41 -9.61 0.42 -7.05
C ILE B 41 -9.94 1.29 -5.83
N ALA B 42 -10.96 0.91 -5.06
CA ALA B 42 -11.41 1.70 -3.90
C ALA B 42 -11.56 3.17 -4.26
N GLY B 43 -12.08 3.44 -5.46
CA GLY B 43 -12.32 4.82 -5.91
C GLY B 43 -11.16 5.56 -6.55
N PHE B 44 -9.98 4.92 -6.58
CA PHE B 44 -8.78 5.50 -7.15
C PHE B 44 -8.47 4.89 -8.50
N LEU B 45 -8.00 5.72 -9.43
CA LEU B 45 -7.63 5.26 -10.78
C LEU B 45 -6.22 4.72 -10.79
N TYR B 46 -6.09 3.47 -11.22
CA TYR B 46 -4.81 2.82 -11.45
C TYR B 46 -4.63 2.47 -12.93
N VAL B 47 -3.38 2.45 -13.38
CA VAL B 47 -3.03 1.93 -14.69
C VAL B 47 -2.54 0.50 -14.49
N ALA B 48 -3.05 -0.42 -15.30
CA ALA B 48 -2.42 -1.73 -15.47
C ALA B 48 -1.66 -1.71 -16.80
N ASP B 49 -0.34 -1.79 -16.69
CA ASP B 49 0.57 -1.87 -17.82
C ASP B 49 0.83 -3.36 -18.12
N LEU B 50 0.19 -3.86 -19.17
CA LEU B 50 0.25 -5.28 -19.49
C LEU B 50 1.49 -5.64 -20.31
N GLU B 51 2.20 -4.66 -20.82
CA GLU B 51 3.47 -4.93 -21.50
C GLU B 51 4.57 -5.20 -20.49
N ASN B 52 4.67 -4.35 -19.47
CA ASN B 52 5.67 -4.50 -18.40
C ASN B 52 5.15 -5.25 -17.17
N VAL B 54 2.98 -4.37 -14.63
CA VAL B 54 2.99 -3.58 -13.41
C VAL B 54 1.71 -2.72 -13.33
N GLN B 55 1.28 -2.44 -12.10
CA GLN B 55 0.23 -1.46 -11.87
C GLN B 55 0.78 -0.29 -11.07
N TYR B 56 0.19 0.87 -11.28
CA TYR B 56 0.56 2.06 -10.54
C TYR B 56 -0.57 3.07 -10.59
N ARG B 57 -0.58 3.96 -9.60
CA ARG B 57 -1.60 4.97 -9.52
C ARG B 57 -1.44 5.92 -10.72
N ARG B 58 -2.54 6.25 -11.39
CA ARG B 58 -2.49 7.07 -12.61
C ARG B 58 -2.00 8.48 -12.33
N ASN B 59 -2.56 9.10 -11.29
CA ASN B 59 -2.50 10.56 -11.14
C ASN B 59 -1.60 11.06 -10.02
N GLU B 60 -1.15 10.17 -9.14
CA GLU B 60 -0.31 10.59 -8.02
C GLU B 60 0.71 9.52 -7.70
N HIS B 61 1.62 9.83 -6.78
CA HIS B 61 2.67 8.89 -6.38
C HIS B 61 2.08 7.62 -5.75
N GLY B 62 2.79 6.52 -5.95
CA GLY B 62 2.51 5.29 -5.21
C GLY B 62 3.50 4.22 -5.60
N ARG B 63 3.30 3.04 -5.05
CA ARG B 63 4.08 1.88 -5.42
C ARG B 63 3.89 1.54 -6.92
N ARG B 64 4.97 1.06 -7.55
CA ARG B 64 4.84 0.23 -8.75
C ARG B 64 4.72 -1.20 -8.23
N ARG B 65 3.59 -1.84 -8.46
CA ARG B 65 3.42 -3.24 -8.04
C ARG B 65 3.43 -4.15 -9.25
N LYS B 66 4.21 -5.22 -9.17
CA LYS B 66 4.15 -6.27 -10.17
C LYS B 66 2.75 -6.86 -10.25
N ILE B 67 2.36 -7.27 -11.44
N ILE B 67 2.37 -7.23 -11.48
CA ILE B 67 1.13 -8.00 -11.61
CA ILE B 67 1.13 -7.95 -11.77
C ILE B 67 1.44 -9.28 -12.37
C ILE B 67 1.52 -9.32 -12.31
N LYS B 68 0.69 -10.33 -12.07
CA LYS B 68 0.83 -11.59 -12.79
C LYS B 68 -0.54 -12.20 -13.05
N ARG B 69 -0.59 -12.97 -14.13
CA ARG B 69 -1.71 -13.83 -14.47
C ARG B 69 -1.23 -15.26 -14.27
N ASP B 70 -1.88 -15.98 -13.37
CA ASP B 70 -1.44 -17.33 -13.00
C ASP B 70 -2.66 -18.16 -12.65
N ILE B 71 -2.45 -19.43 -12.36
CA ILE B 71 -3.57 -20.29 -11.97
C ILE B 71 -4.15 -19.90 -10.61
N ILE B 72 -5.39 -20.32 -10.36
CA ILE B 72 -6.05 -20.04 -9.09
C ILE B 72 -5.37 -20.78 -7.93
N ASP B 73 -4.91 -22.00 -8.20
CA ASP B 73 -4.36 -22.87 -7.17
C ASP B 73 -2.87 -22.64 -6.93
N ILE B 74 -2.55 -21.41 -6.54
CA ILE B 74 -1.24 -21.05 -6.03
C ILE B 74 -1.42 -20.45 -4.64
N PRO B 75 -0.34 -20.42 -3.87
CA PRO B 75 -0.37 -19.66 -2.61
C PRO B 75 -0.67 -18.18 -2.84
N LYS B 76 -1.41 -17.59 -1.90
CA LYS B 76 -1.76 -16.20 -2.00
C LYS B 76 -2.12 -15.68 -0.61
N LYS B 77 -2.05 -14.35 -0.46
CA LYS B 77 -2.30 -13.73 0.82
C LYS B 77 -3.78 -13.56 1.10
N GLY B 78 -4.54 -13.48 0.01
CA GLY B 78 -5.95 -13.17 0.10
C GLY B 78 -6.41 -12.48 -1.17
N VAL B 79 -7.55 -11.79 -1.07
CA VAL B 79 -8.18 -11.14 -2.21
C VAL B 79 -8.40 -9.67 -1.88
N ALA B 80 -7.75 -8.81 -2.66
CA ALA B 80 -8.02 -7.38 -2.64
C ALA B 80 -7.82 -6.78 -1.24
N GLY B 81 -6.84 -7.30 -0.51
CA GLY B 81 -6.51 -6.82 0.83
C GLY B 81 -7.22 -7.52 1.98
N LEU B 82 -8.18 -8.40 1.66
CA LEU B 82 -8.85 -9.22 2.65
C LEU B 82 -8.04 -10.50 2.81
N ARG B 83 -7.39 -10.62 3.96
N ARG B 83 -7.35 -10.62 3.95
CA ARG B 83 -6.49 -11.72 4.22
CA ARG B 83 -6.39 -11.71 4.14
C ARG B 83 -7.26 -13.03 4.27
C ARG B 83 -7.13 -13.02 4.39
N LEU B 84 -6.68 -14.09 3.72
CA LEU B 84 -7.21 -15.42 3.93
C LEU B 84 -6.81 -15.89 5.33
N ASP B 85 -7.74 -16.54 6.02
CA ASP B 85 -7.45 -17.11 7.33
C ASP B 85 -7.62 -18.63 7.25
#